data_3KEK
#
_entry.id   3KEK
#
_cell.length_a   120.846
_cell.length_b   95.740
_cell.length_c   36.443
_cell.angle_alpha   90.00
_cell.angle_beta   90.00
_cell.angle_gamma   90.00
#
_symmetry.space_group_name_H-M   'P 21 21 2'
#
loop_
_entity.id
_entity.type
_entity.pdbx_description
1 polymer 'Collagenase 3'
2 non-polymer 'ZINC ION'
3 non-polymer 'CALCIUM ION'
4 non-polymer 'trans-4-[(3-{2-[(4-fluorobenzyl)carbamoyl]-6-methylpyridin-4-yl}-1H-1,2,4-triazol-1-yl)methyl]cyclohexanecarboxylic acid'
5 water water
#
_entity_poly.entity_id   1
_entity_poly.type   'polypeptide(L)'
_entity_poly.pdbx_seq_one_letter_code
;YNVFPRTLKWSKMNLTYRIVNYTPDMTHSEVEKAFKKAFKVWSDVTPLNFTRLHDGIADIMISFGIKEHGDFYPFDGPSG
LLAHAFPPGPNYGGDAHFDDDETWTSSSKGYNLFLVAAHEFGHSLGLDHSKDPGALMFPIYTYTGKSHFMLPDDDVQGIQ
SLYGPGD
;
_entity_poly.pdbx_strand_id   A,B
#
loop_
_chem_comp.id
_chem_comp.type
_chem_comp.name
_chem_comp.formula
3EK non-polymer 'trans-4-[(3-{2-[(4-fluorobenzyl)carbamoyl]-6-methylpyridin-4-yl}-1H-1,2,4-triazol-1-yl)methyl]cyclohexanecarboxylic acid' 'C24 H26 F N5 O3'
CA non-polymer 'CALCIUM ION' 'Ca 2'
ZN non-polymer 'ZINC ION' 'Zn 2'
#
# COMPACT_ATOMS: atom_id res chain seq x y z
N TYR A 1 -22.04 -38.37 22.97
CA TYR A 1 -22.05 -37.39 21.85
C TYR A 1 -21.34 -36.10 22.23
N ASN A 2 -20.95 -35.33 21.22
CA ASN A 2 -20.29 -34.05 21.43
C ASN A 2 -20.94 -32.93 20.60
N VAL A 3 -20.69 -31.70 21.04
CA VAL A 3 -21.27 -30.51 20.45
C VAL A 3 -20.18 -29.44 20.34
N PHE A 4 -20.34 -28.51 19.40
CA PHE A 4 -19.39 -27.41 19.22
C PHE A 4 -19.64 -26.32 20.27
N PRO A 5 -18.58 -25.67 20.76
CA PRO A 5 -18.76 -24.47 21.58
C PRO A 5 -19.17 -23.26 20.72
N ARG A 6 -20.08 -22.43 21.24
CA ARG A 6 -20.60 -21.28 20.50
C ARG A 6 -19.55 -20.18 20.31
N THR A 7 -18.86 -19.82 21.39
CA THR A 7 -17.85 -18.76 21.36
C THR A 7 -16.46 -19.31 21.00
N LEU A 8 -15.82 -18.70 20.00
CA LEU A 8 -14.53 -19.19 19.50
C LEU A 8 -13.37 -18.78 20.41
N LYS A 9 -12.79 -19.78 21.07
CA LYS A 9 -11.63 -19.59 21.91
C LYS A 9 -10.89 -20.91 22.07
N TRP A 10 -9.61 -20.84 22.41
CA TRP A 10 -8.82 -22.03 22.67
C TRP A 10 -9.25 -22.62 24.02
N SER A 11 -9.39 -23.95 24.07
CA SER A 11 -9.75 -24.64 25.30
C SER A 11 -8.50 -25.13 26.05
N LYS A 12 -7.34 -24.99 25.43
CA LYS A 12 -6.07 -25.35 26.06
C LYS A 12 -5.30 -24.07 26.33
N MET A 13 -4.49 -24.07 27.39
CA MET A 13 -3.75 -22.88 27.80
C MET A 13 -2.34 -22.81 27.22
N ASN A 14 -1.77 -23.96 26.85
CA ASN A 14 -0.43 -24.04 26.27
C ASN A 14 -0.51 -24.16 24.75
N LEU A 15 -0.30 -23.04 24.08
CA LEU A 15 -0.42 -22.94 22.62
C LEU A 15 0.95 -22.89 21.96
N THR A 16 1.04 -23.41 20.74
CA THR A 16 2.28 -23.39 19.97
C THR A 16 2.14 -22.48 18.76
N TYR A 17 3.28 -21.94 18.31
CA TYR A 17 3.34 -21.20 17.06
C TYR A 17 4.58 -21.54 16.27
N ARG A 18 4.54 -21.28 14.97
CA ARG A 18 5.65 -21.57 14.06
C ARG A 18 5.80 -20.43 13.04
N ILE A 19 7.02 -19.93 12.90
CA ILE A 19 7.33 -18.95 11.85
C ILE A 19 7.74 -19.74 10.61
N VAL A 20 6.81 -19.79 9.64
CA VAL A 20 6.96 -20.64 8.47
C VAL A 20 7.98 -20.03 7.49
N ASN A 21 7.98 -18.71 7.41
CA ASN A 21 8.94 -17.97 6.60
C ASN A 21 9.14 -16.55 7.17
N TYR A 22 10.04 -15.79 6.55
CA TYR A 22 10.58 -14.54 7.09
C TYR A 22 10.53 -13.41 6.06
N THR A 23 10.19 -12.21 6.51
CA THR A 23 10.29 -11.01 5.69
C THR A 23 11.78 -10.64 5.47
N PRO A 24 12.12 -10.08 4.29
CA PRO A 24 13.47 -9.55 4.06
C PRO A 24 13.86 -8.34 4.93
N ASP A 25 12.85 -7.62 5.43
CA ASP A 25 13.05 -6.29 6.03
C ASP A 25 13.72 -6.32 7.41
N MET A 26 13.70 -7.48 8.06
CA MET A 26 14.24 -7.63 9.41
C MET A 26 15.04 -8.92 9.49
N THR A 27 16.00 -8.98 10.40
CA THR A 27 16.75 -10.22 10.61
C THR A 27 15.82 -11.29 11.20
N HIS A 28 16.20 -12.56 11.03
CA HIS A 28 15.50 -13.68 11.66
C HIS A 28 15.27 -13.40 13.15
N SER A 29 16.34 -12.94 13.79
CA SER A 29 16.36 -12.65 15.22
C SER A 29 15.37 -11.54 15.61
N GLU A 30 15.38 -10.46 14.85
CA GLU A 30 14.46 -9.33 15.05
C GLU A 30 12.99 -9.73 14.84
N VAL A 31 12.73 -10.57 13.83
CA VAL A 31 11.38 -11.07 13.57
C VAL A 31 10.92 -11.97 14.73
N GLU A 32 11.81 -12.88 15.15
CA GLU A 32 11.52 -13.76 16.27
C GLU A 32 11.22 -12.95 17.54
N LYS A 33 12.04 -11.94 17.82
CA LYS A 33 11.87 -11.05 18.99
C LYS A 33 10.52 -10.31 18.95
N ALA A 34 10.15 -9.81 17.78
CA ALA A 34 8.86 -9.11 17.62
C ALA A 34 7.69 -10.03 17.96
N PHE A 35 7.68 -11.23 17.41
CA PHE A 35 6.58 -12.18 17.68
C PHE A 35 6.54 -12.63 19.14
N LYS A 36 7.70 -12.89 19.75
CA LYS A 36 7.75 -13.24 21.18
C LYS A 36 7.19 -12.11 22.07
N LYS A 37 7.58 -10.87 21.78
CA LYS A 37 7.06 -9.70 22.48
C LYS A 37 5.53 -9.62 22.35
N ALA A 38 5.05 -9.82 21.12
CA ALA A 38 3.61 -9.77 20.82
C ALA A 38 2.83 -10.85 21.57
N PHE A 39 3.40 -12.04 21.69
CA PHE A 39 2.77 -13.09 22.50
C PHE A 39 2.82 -12.79 24.00
N LYS A 40 3.91 -12.18 24.47
CA LYS A 40 3.99 -11.80 25.88
C LYS A 40 2.90 -10.79 26.28
N VAL A 41 2.50 -9.92 25.36
CA VAL A 41 1.36 -9.03 25.59
C VAL A 41 0.15 -9.81 26.12
N TRP A 42 -0.16 -10.93 25.47
CA TRP A 42 -1.34 -11.70 25.82
C TRP A 42 -1.11 -12.67 27.00
N SER A 43 0.08 -13.23 27.12
CA SER A 43 0.39 -14.13 28.25
C SER A 43 0.46 -13.38 29.59
N ASP A 44 0.83 -12.09 29.53
CA ASP A 44 0.80 -11.23 30.70
C ASP A 44 -0.62 -10.88 31.21
N VAL A 45 -1.63 -11.07 30.37
CA VAL A 45 -3.02 -10.70 30.73
C VAL A 45 -4.01 -11.89 30.70
N THR A 46 -3.47 -13.09 30.50
CA THR A 46 -4.24 -14.33 30.47
C THR A 46 -3.41 -15.46 31.08
N PRO A 47 -4.05 -16.61 31.36
CA PRO A 47 -3.31 -17.82 31.72
C PRO A 47 -2.66 -18.54 30.55
N LEU A 48 -2.69 -17.95 29.36
CA LEU A 48 -2.16 -18.60 28.16
C LEU A 48 -0.63 -18.54 28.12
N ASN A 49 -0.04 -19.58 27.56
CA ASN A 49 1.39 -19.67 27.31
C ASN A 49 1.60 -20.01 25.84
N PHE A 50 2.71 -19.52 25.29
CA PHE A 50 3.03 -19.69 23.88
C PHE A 50 4.44 -20.27 23.73
N THR A 51 4.55 -21.32 22.92
CA THR A 51 5.80 -22.00 22.65
C THR A 51 6.04 -22.05 21.16
N ARG A 52 7.24 -21.65 20.76
CA ARG A 52 7.66 -21.65 19.38
C ARG A 52 8.15 -23.05 18.92
N LEU A 53 7.64 -23.51 17.78
CA LEU A 53 8.11 -24.73 17.15
C LEU A 53 8.90 -24.40 15.89
N HIS A 54 9.88 -25.25 15.57
CA HIS A 54 10.76 -25.05 14.42
C HIS A 54 10.36 -25.92 13.21
N ASP A 55 9.31 -26.71 13.38
CA ASP A 55 8.82 -27.57 12.31
C ASP A 55 7.44 -28.05 12.67
N GLY A 56 6.77 -28.70 11.71
CA GLY A 56 5.52 -29.38 11.99
C GLY A 56 4.36 -28.42 12.13
N ILE A 57 3.24 -28.93 12.61
CA ILE A 57 2.02 -28.16 12.65
C ILE A 57 1.87 -27.54 14.03
N ALA A 58 1.84 -26.20 14.09
CA ALA A 58 1.60 -25.48 15.32
C ALA A 58 0.15 -24.97 15.33
N ASP A 59 -0.34 -24.59 16.50
CA ASP A 59 -1.67 -23.98 16.61
C ASP A 59 -1.75 -22.70 15.81
N ILE A 60 -0.70 -21.89 15.90
CA ILE A 60 -0.61 -20.63 15.18
C ILE A 60 0.55 -20.70 14.16
N MET A 61 0.20 -20.82 12.89
CA MET A 61 1.19 -20.84 11.80
C MET A 61 1.33 -19.42 11.26
N ILE A 62 2.54 -18.86 11.40
CA ILE A 62 2.82 -17.49 10.97
C ILE A 62 3.57 -17.50 9.64
N SER A 63 3.09 -16.71 8.68
CA SER A 63 3.73 -16.63 7.38
C SER A 63 3.60 -15.23 6.79
N PHE A 64 4.55 -14.90 5.91
CA PHE A 64 4.54 -13.70 5.12
C PHE A 64 4.18 -14.02 3.67
N GLY A 65 3.34 -13.19 3.09
CA GLY A 65 2.97 -13.33 1.68
C GLY A 65 2.53 -12.02 1.07
N ILE A 66 2.36 -12.02 -0.24
CA ILE A 66 1.83 -10.87 -0.94
C ILE A 66 0.67 -11.27 -1.85
N LYS A 67 -0.22 -10.31 -2.09
CA LYS A 67 -1.36 -10.50 -2.99
C LYS A 67 -2.05 -11.84 -2.67
N GLU A 68 -2.28 -12.70 -3.67
CA GLU A 68 -2.85 -14.02 -3.39
C GLU A 68 -1.77 -14.89 -2.74
N HIS A 69 -2.09 -15.46 -1.58
CA HIS A 69 -1.14 -16.30 -0.84
C HIS A 69 -1.76 -17.60 -0.26
N GLY A 70 -2.92 -18.00 -0.79
CA GLY A 70 -3.55 -19.27 -0.43
C GLY A 70 -4.81 -19.20 0.42
N ASP A 71 -5.55 -18.10 0.32
CA ASP A 71 -6.83 -17.98 1.01
C ASP A 71 -7.78 -16.96 0.33
N PHE A 72 -8.91 -16.67 0.98
CA PHE A 72 -9.88 -15.70 0.44
C PHE A 72 -9.61 -14.23 0.81
N TYR A 73 -8.44 -13.95 1.38
CA TYR A 73 -8.10 -12.62 1.86
C TYR A 73 -6.79 -12.14 1.24
N PRO A 74 -6.74 -12.01 -0.09
CA PRO A 74 -5.51 -11.51 -0.72
C PRO A 74 -5.08 -10.12 -0.24
N PHE A 75 -3.78 -9.90 -0.20
CA PHE A 75 -3.23 -8.62 0.20
C PHE A 75 -3.21 -7.65 -0.98
N ASP A 76 -2.83 -6.41 -0.73
CA ASP A 76 -3.16 -5.29 -1.62
C ASP A 76 -1.99 -4.32 -1.88
N GLY A 77 -0.77 -4.78 -1.66
CA GLY A 77 0.41 -3.92 -1.82
C GLY A 77 0.64 -3.10 -0.57
N PRO A 78 1.52 -2.07 -0.64
CA PRO A 78 1.82 -1.30 0.57
C PRO A 78 0.60 -0.58 1.15
N SER A 79 0.58 -0.45 2.47
CA SER A 79 -0.54 0.14 3.22
C SER A 79 -1.84 -0.66 3.02
N GLY A 80 -2.97 -0.06 3.40
CA GLY A 80 -4.24 -0.77 3.40
C GLY A 80 -4.20 -1.93 4.37
N LEU A 81 -4.45 -3.12 3.85
CA LEU A 81 -4.39 -4.34 4.66
C LEU A 81 -2.94 -4.71 4.99
N LEU A 82 -2.63 -4.78 6.28
CA LEU A 82 -1.25 -5.06 6.72
C LEU A 82 -1.05 -6.53 7.03
N ALA A 83 -2.14 -7.21 7.39
CA ALA A 83 -2.08 -8.54 7.95
C ALA A 83 -3.52 -9.00 8.23
N HIS A 84 -3.66 -10.30 8.47
CA HIS A 84 -4.90 -10.84 9.02
C HIS A 84 -4.63 -12.14 9.74
N ALA A 85 -5.54 -12.53 10.62
CA ALA A 85 -5.40 -13.77 11.36
C ALA A 85 -6.75 -14.43 11.51
N PHE A 86 -6.73 -15.76 11.63
CA PHE A 86 -7.94 -16.55 11.72
C PHE A 86 -8.29 -16.79 13.18
N PRO A 87 -9.59 -16.83 13.51
CA PRO A 87 -9.96 -17.06 14.91
C PRO A 87 -9.61 -18.48 15.35
N PRO A 88 -9.65 -18.75 16.66
CA PRO A 88 -9.34 -20.08 17.18
C PRO A 88 -10.11 -21.19 16.47
N GLY A 89 -9.41 -22.29 16.18
CA GLY A 89 -10.01 -23.45 15.56
C GLY A 89 -8.95 -24.42 15.09
N PRO A 90 -9.36 -25.59 14.59
CA PRO A 90 -8.43 -26.51 13.99
C PRO A 90 -8.10 -26.01 12.58
N ASN A 91 -7.28 -26.75 11.84
CA ASN A 91 -6.93 -26.36 10.48
C ASN A 91 -6.25 -24.97 10.43
N TYR A 92 -6.90 -23.97 9.83
CA TYR A 92 -6.30 -22.62 9.72
C TYR A 92 -6.52 -21.75 10.95
N GLY A 93 -7.35 -22.20 11.89
CA GLY A 93 -7.62 -21.44 13.09
C GLY A 93 -6.34 -21.03 13.77
N GLY A 94 -6.27 -19.74 14.13
CA GLY A 94 -5.11 -19.15 14.81
C GLY A 94 -4.06 -18.56 13.89
N ASP A 95 -4.00 -19.03 12.65
CA ASP A 95 -2.91 -18.68 11.73
C ASP A 95 -2.90 -17.18 11.45
N ALA A 96 -1.70 -16.63 11.30
CA ALA A 96 -1.52 -15.19 11.10
C ALA A 96 -0.65 -14.97 9.86
N HIS A 97 -1.20 -14.18 8.94
CA HIS A 97 -0.56 -13.87 7.67
C HIS A 97 -0.19 -12.39 7.66
N PHE A 98 1.04 -12.09 7.25
CA PHE A 98 1.54 -10.71 7.18
C PHE A 98 1.92 -10.33 5.76
N ASP A 99 1.40 -9.18 5.33
CA ASP A 99 1.67 -8.66 3.99
C ASP A 99 3.13 -8.22 3.80
N ASP A 100 3.88 -8.92 2.96
CA ASP A 100 5.30 -8.60 2.75
C ASP A 100 5.51 -7.48 1.71
N ASP A 101 4.43 -6.82 1.30
CA ASP A 101 4.56 -5.52 0.61
C ASP A 101 4.65 -4.33 1.58
N GLU A 102 4.52 -4.60 2.87
CA GLU A 102 4.79 -3.57 3.88
C GLU A 102 6.29 -3.48 4.19
N THR A 103 6.69 -2.31 4.66
CA THR A 103 8.02 -2.08 5.22
C THR A 103 7.96 -2.39 6.72
N TRP A 104 8.43 -3.58 7.10
CA TRP A 104 8.38 -4.06 8.47
C TRP A 104 9.59 -3.60 9.27
N THR A 105 9.34 -3.10 10.48
CA THR A 105 10.36 -2.47 11.29
C THR A 105 10.25 -2.83 12.76
N SER A 106 11.28 -2.47 13.51
CA SER A 106 11.26 -2.48 14.97
C SER A 106 11.37 -1.06 15.47
N SER A 107 10.73 -0.14 14.76
CA SER A 107 10.78 1.27 15.09
C SER A 107 9.43 1.90 14.78
N SER A 108 9.39 3.23 14.82
CA SER A 108 8.20 4.00 14.50
C SER A 108 8.03 4.24 13.00
N LYS A 109 9.04 3.85 12.22
CA LYS A 109 8.99 3.99 10.77
C LYS A 109 8.30 2.77 10.17
N GLY A 110 7.74 2.94 8.96
CA GLY A 110 7.04 1.85 8.29
C GLY A 110 5.94 1.30 9.18
N TYR A 111 5.83 -0.04 9.22
CA TYR A 111 4.90 -0.71 10.13
C TYR A 111 5.66 -1.57 11.13
N ASN A 112 5.41 -1.30 12.41
CA ASN A 112 6.06 -2.01 13.50
C ASN A 112 5.50 -3.42 13.57
N LEU A 113 6.36 -4.42 13.33
CA LEU A 113 5.93 -5.82 13.24
C LEU A 113 5.36 -6.31 14.56
N PHE A 114 6.06 -6.02 15.67
CA PHE A 114 5.55 -6.32 17.01
C PHE A 114 4.11 -5.83 17.21
N LEU A 115 3.89 -4.56 16.87
CA LEU A 115 2.61 -3.94 17.11
C LEU A 115 1.51 -4.59 16.26
N VAL A 116 1.79 -4.79 14.97
CA VAL A 116 0.83 -5.46 14.10
C VAL A 116 0.59 -6.91 14.55
N ALA A 117 1.66 -7.62 14.90
CA ALA A 117 1.55 -8.99 15.40
C ALA A 117 0.72 -9.08 16.69
N ALA A 118 0.93 -8.13 17.61
CA ALA A 118 0.20 -8.11 18.89
C ALA A 118 -1.30 -8.02 18.63
N HIS A 119 -1.66 -7.13 17.70
CA HIS A 119 -3.04 -6.97 17.24
C HIS A 119 -3.59 -8.26 16.60
N GLU A 120 -2.86 -8.79 15.63
CA GLU A 120 -3.30 -10.00 14.92
C GLU A 120 -3.40 -11.22 15.83
N PHE A 121 -2.48 -11.37 16.78
CA PHE A 121 -2.57 -12.48 17.73
C PHE A 121 -3.79 -12.32 18.64
N GLY A 122 -4.24 -11.09 18.85
CA GLY A 122 -5.55 -10.87 19.48
C GLY A 122 -6.64 -11.60 18.72
N HIS A 123 -6.64 -11.42 17.40
CA HIS A 123 -7.57 -12.13 16.51
C HIS A 123 -7.38 -13.66 16.61
N SER A 124 -6.12 -14.11 16.64
CA SER A 124 -5.78 -15.54 16.81
C SER A 124 -6.38 -16.16 18.08
N LEU A 125 -6.57 -15.34 19.10
CA LEU A 125 -7.09 -15.76 20.39
C LEU A 125 -8.62 -15.59 20.53
N GLY A 126 -9.24 -14.92 19.56
CA GLY A 126 -10.70 -14.79 19.51
C GLY A 126 -11.27 -13.37 19.57
N LEU A 127 -10.41 -12.35 19.60
CA LEU A 127 -10.90 -10.98 19.70
C LEU A 127 -11.32 -10.48 18.32
N ASP A 128 -12.36 -9.66 18.28
CA ASP A 128 -12.72 -8.95 17.05
C ASP A 128 -12.18 -7.53 17.19
N HIS A 129 -12.42 -6.71 16.17
CA HIS A 129 -12.05 -5.31 16.24
C HIS A 129 -12.81 -4.53 17.29
N SER A 130 -12.13 -3.52 17.83
CA SER A 130 -12.70 -2.59 18.78
C SER A 130 -13.21 -1.36 18.03
N LYS A 131 -14.24 -0.73 18.56
CA LYS A 131 -14.69 0.56 18.06
C LYS A 131 -13.94 1.73 18.76
N ASP A 132 -13.09 1.40 19.74
CA ASP A 132 -12.31 2.39 20.49
C ASP A 132 -11.05 2.76 19.69
N PRO A 133 -10.94 4.04 19.25
CA PRO A 133 -9.77 4.44 18.44
C PRO A 133 -8.38 4.29 19.08
N GLY A 134 -8.33 4.23 20.42
CA GLY A 134 -7.08 4.01 21.14
C GLY A 134 -6.74 2.56 21.47
N ALA A 135 -7.67 1.64 21.20
CA ALA A 135 -7.48 0.22 21.52
C ALA A 135 -6.44 -0.45 20.63
N LEU A 136 -5.78 -1.48 21.16
CA LEU A 136 -4.91 -2.31 20.33
C LEU A 136 -5.71 -2.90 19.19
N MET A 137 -6.94 -3.34 19.47
CA MET A 137 -7.77 -4.03 18.48
C MET A 137 -8.60 -3.11 17.58
N PHE A 138 -8.40 -1.79 17.67
CA PHE A 138 -8.96 -0.90 16.66
C PHE A 138 -8.40 -1.36 15.31
N PRO A 139 -9.21 -1.31 14.23
CA PRO A 139 -8.76 -1.87 12.96
C PRO A 139 -7.65 -1.12 12.20
N ILE A 140 -7.47 0.17 12.50
CA ILE A 140 -6.53 1.01 11.74
C ILE A 140 -5.27 1.31 12.58
N TYR A 141 -4.13 0.83 12.08
CA TYR A 141 -2.82 1.08 12.68
C TYR A 141 -2.60 2.56 12.93
N THR A 142 -2.36 2.91 14.18
CA THR A 142 -2.16 4.29 14.58
C THR A 142 -1.03 4.38 15.61
N TYR A 143 0.20 4.48 15.11
CA TYR A 143 1.37 4.57 15.97
C TYR A 143 1.33 5.87 16.78
N THR A 144 1.27 5.73 18.11
CA THR A 144 1.19 6.87 19.01
C THR A 144 2.57 7.32 19.49
N GLY A 145 2.60 8.43 20.21
CA GLY A 145 3.85 9.01 20.71
C GLY A 145 4.29 8.50 22.07
N LYS A 146 3.77 7.36 22.52
CA LYS A 146 4.12 6.85 23.84
C LYS A 146 5.45 6.11 23.78
N SER A 147 6.19 6.18 24.88
CA SER A 147 7.53 5.57 24.98
C SER A 147 7.47 4.06 25.03
N HIS A 148 6.47 3.54 25.73
CA HIS A 148 6.35 2.12 26.00
C HIS A 148 4.97 1.63 25.56
N PHE A 149 4.90 0.35 25.20
CA PHE A 149 3.62 -0.27 24.90
C PHE A 149 2.87 -0.62 26.18
N MET A 150 1.60 -0.21 26.23
CA MET A 150 0.70 -0.56 27.33
C MET A 150 -0.62 -1.05 26.72
N LEU A 151 -1.11 -2.20 27.17
CA LEU A 151 -2.37 -2.73 26.66
C LEU A 151 -3.53 -1.96 27.30
N PRO A 152 -4.36 -1.29 26.47
CA PRO A 152 -5.55 -0.58 27.00
C PRO A 152 -6.56 -1.47 27.71
N ASP A 153 -7.31 -0.87 28.63
CA ASP A 153 -8.38 -1.56 29.36
C ASP A 153 -9.36 -2.26 28.41
N ASP A 154 -9.69 -1.60 27.30
CA ASP A 154 -10.63 -2.14 26.31
C ASP A 154 -10.26 -3.56 25.88
N ASP A 155 -8.99 -3.71 25.51
CA ASP A 155 -8.43 -4.98 25.06
C ASP A 155 -8.31 -5.98 26.20
N VAL A 156 -7.93 -5.49 27.38
CA VAL A 156 -7.84 -6.34 28.56
C VAL A 156 -9.21 -6.91 28.92
N GLN A 157 -10.25 -6.07 28.88
CA GLN A 157 -11.60 -6.53 29.18
C GLN A 157 -12.08 -7.55 28.14
N GLY A 158 -11.83 -7.26 26.86
CA GLY A 158 -12.15 -8.19 25.78
C GLY A 158 -11.53 -9.57 25.95
N ILE A 159 -10.22 -9.61 26.17
CA ILE A 159 -9.52 -10.89 26.30
C ILE A 159 -9.92 -11.61 27.60
N GLN A 160 -10.17 -10.87 28.67
CA GLN A 160 -10.62 -11.47 29.93
C GLN A 160 -11.99 -12.12 29.79
N SER A 161 -12.84 -11.60 28.91
CA SER A 161 -14.17 -12.16 28.73
C SER A 161 -14.09 -13.57 28.11
N LEU A 162 -13.01 -13.85 27.37
CA LEU A 162 -12.75 -15.16 26.80
C LEU A 162 -11.96 -16.06 27.75
N TYR A 163 -10.90 -15.54 28.37
CA TYR A 163 -9.94 -16.38 29.13
C TYR A 163 -9.92 -16.17 30.64
N GLY A 164 -10.75 -15.26 31.15
CA GLY A 164 -10.99 -15.12 32.59
C GLY A 164 -10.27 -13.95 33.23
N THR B 7 -5.91 14.43 -36.33
CA THR B 7 -5.22 13.80 -35.15
C THR B 7 -5.28 14.70 -33.93
N LEU B 8 -5.64 14.13 -32.77
CA LEU B 8 -5.76 14.90 -31.52
C LEU B 8 -4.40 15.34 -30.96
N LYS B 9 -4.22 16.65 -30.85
CA LYS B 9 -3.02 17.23 -30.26
C LYS B 9 -3.26 18.70 -29.93
N TRP B 10 -2.40 19.25 -29.08
CA TRP B 10 -2.47 20.67 -28.73
C TRP B 10 -2.01 21.53 -29.91
N SER B 11 -2.79 22.56 -30.21
CA SER B 11 -2.48 23.48 -31.32
C SER B 11 -1.43 24.52 -30.91
N LYS B 12 -0.92 24.43 -29.70
CA LYS B 12 0.11 25.33 -29.19
C LYS B 12 1.23 24.52 -28.56
N MET B 13 2.45 25.07 -28.60
CA MET B 13 3.62 24.40 -28.06
C MET B 13 3.85 24.73 -26.58
N ASN B 14 3.35 25.88 -26.14
CA ASN B 14 3.49 26.30 -24.75
C ASN B 14 2.23 25.92 -23.95
N LEU B 15 2.37 24.93 -23.06
CA LEU B 15 1.27 24.44 -22.25
C LEU B 15 1.49 24.80 -20.79
N THR B 16 0.40 25.06 -20.08
CA THR B 16 0.48 25.37 -18.66
C THR B 16 0.03 24.15 -17.86
N TYR B 17 0.57 24.01 -16.65
CA TYR B 17 0.05 23.04 -15.70
C TYR B 17 -0.07 23.62 -14.31
N ARG B 18 -0.94 23.01 -13.52
CA ARG B 18 -1.16 23.40 -12.14
C ARG B 18 -1.27 22.14 -11.29
N ILE B 19 -0.50 22.11 -10.21
CA ILE B 19 -0.65 21.05 -9.20
C ILE B 19 -1.70 21.55 -8.21
N VAL B 20 -2.94 21.08 -8.41
CA VAL B 20 -4.09 21.56 -7.65
C VAL B 20 -4.06 21.13 -6.18
N ASN B 21 -3.74 19.86 -5.93
CA ASN B 21 -3.54 19.38 -4.56
C ASN B 21 -2.43 18.35 -4.51
N TYR B 22 -2.12 17.89 -3.29
CA TYR B 22 -0.93 17.09 -3.02
C TYR B 22 -1.26 15.86 -2.20
N THR B 23 -0.59 14.75 -2.54
CA THR B 23 -0.70 13.52 -1.78
C THR B 23 -0.01 13.67 -0.42
N PRO B 24 -0.52 12.98 0.62
CA PRO B 24 0.23 12.90 1.86
C PRO B 24 1.58 12.13 1.79
N ASP B 25 1.76 11.30 0.75
CA ASP B 25 2.85 10.30 0.76
C ASP B 25 4.23 10.89 0.56
N MET B 26 4.29 12.11 0.02
CA MET B 26 5.53 12.75 -0.38
C MET B 26 5.47 14.22 0.00
N THR B 27 6.63 14.86 0.14
CA THR B 27 6.68 16.28 0.44
C THR B 27 6.27 17.09 -0.80
N HIS B 28 5.86 18.35 -0.59
CA HIS B 28 5.55 19.28 -1.69
C HIS B 28 6.68 19.30 -2.71
N SER B 29 7.90 19.53 -2.21
CA SER B 29 9.10 19.56 -3.03
C SER B 29 9.21 18.28 -3.88
N GLU B 30 9.04 17.12 -3.24
CA GLU B 30 9.16 15.83 -3.94
C GLU B 30 8.11 15.68 -5.04
N VAL B 31 6.88 16.10 -4.75
CA VAL B 31 5.78 16.03 -5.72
C VAL B 31 6.03 16.94 -6.92
N GLU B 32 6.43 18.17 -6.63
CA GLU B 32 6.77 19.15 -7.67
C GLU B 32 7.93 18.67 -8.56
N LYS B 33 8.98 18.12 -7.95
CA LYS B 33 10.12 17.59 -8.70
C LYS B 33 9.70 16.46 -9.65
N ALA B 34 8.84 15.56 -9.16
CA ALA B 34 8.35 14.43 -9.96
C ALA B 34 7.59 14.92 -11.19
N PHE B 35 6.66 15.85 -11.00
CA PHE B 35 5.86 16.35 -12.12
C PHE B 35 6.67 17.15 -13.13
N LYS B 36 7.63 17.93 -12.64
CA LYS B 36 8.54 18.68 -13.51
C LYS B 36 9.40 17.74 -14.35
N LYS B 37 9.98 16.72 -13.70
CA LYS B 37 10.77 15.71 -14.39
C LYS B 37 9.94 14.95 -15.44
N ALA B 38 8.68 14.68 -15.10
CA ALA B 38 7.77 13.97 -15.99
C ALA B 38 7.46 14.79 -17.24
N PHE B 39 7.26 16.11 -17.08
CA PHE B 39 7.06 17.00 -18.23
C PHE B 39 8.32 17.09 -19.10
N LYS B 40 9.48 17.05 -18.45
CA LYS B 40 10.77 17.12 -19.14
C LYS B 40 11.00 15.90 -20.04
N VAL B 41 10.48 14.73 -19.66
CA VAL B 41 10.51 13.55 -20.54
C VAL B 41 10.03 13.93 -21.96
N TRP B 42 8.93 14.67 -22.04
CA TRP B 42 8.33 15.03 -23.34
C TRP B 42 8.92 16.31 -23.97
N SER B 43 9.20 17.32 -23.14
CA SER B 43 9.85 18.55 -23.64
C SER B 43 11.25 18.29 -24.20
N ASP B 44 11.94 17.26 -23.70
CA ASP B 44 13.29 16.96 -24.13
C ASP B 44 13.38 16.36 -25.54
N VAL B 45 12.26 15.95 -26.12
CA VAL B 45 12.22 15.32 -27.45
C VAL B 45 11.24 15.98 -28.45
N THR B 46 10.58 17.06 -28.04
CA THR B 46 9.63 17.81 -28.88
C THR B 46 9.88 19.32 -28.66
N PRO B 47 9.22 20.17 -29.46
CA PRO B 47 9.26 21.60 -29.16
C PRO B 47 8.29 22.06 -28.07
N LEU B 48 7.69 21.13 -27.34
CA LEU B 48 6.78 21.46 -26.24
C LEU B 48 7.52 22.10 -25.07
N ASN B 49 6.89 23.10 -24.46
CA ASN B 49 7.39 23.71 -23.23
C ASN B 49 6.25 23.78 -22.23
N PHE B 50 6.58 23.60 -20.96
CA PHE B 50 5.56 23.56 -19.92
C PHE B 50 5.87 24.60 -18.86
N THR B 51 4.82 25.29 -18.42
CA THR B 51 4.94 26.37 -17.45
C THR B 51 3.97 26.08 -16.32
N ARG B 52 4.47 26.13 -15.09
CA ARG B 52 3.64 25.86 -13.93
C ARG B 52 2.90 27.12 -13.47
N LEU B 53 1.58 27.01 -13.33
CA LEU B 53 0.75 28.03 -12.70
C LEU B 53 0.46 27.59 -11.26
N HIS B 54 0.49 28.52 -10.33
CA HIS B 54 0.24 28.22 -8.93
C HIS B 54 -1.24 28.37 -8.57
N ASP B 55 -1.99 29.01 -9.46
CA ASP B 55 -3.42 29.25 -9.29
C ASP B 55 -4.08 29.30 -10.66
N GLY B 56 -5.41 29.23 -10.67
CA GLY B 56 -6.20 29.45 -11.87
C GLY B 56 -6.35 28.22 -12.73
N ILE B 57 -6.75 28.43 -13.97
CA ILE B 57 -7.11 27.39 -14.91
C ILE B 57 -5.95 27.15 -15.87
N ALA B 58 -5.42 25.92 -15.86
CA ALA B 58 -4.31 25.51 -16.71
C ALA B 58 -4.74 24.44 -17.72
N ASP B 59 -3.95 24.30 -18.77
CA ASP B 59 -4.21 23.27 -19.79
C ASP B 59 -4.23 21.87 -19.18
N ILE B 60 -3.27 21.60 -18.29
CA ILE B 60 -3.14 20.31 -17.63
C ILE B 60 -3.29 20.56 -16.12
N MET B 61 -4.46 20.21 -15.60
CA MET B 61 -4.73 20.30 -14.16
C MET B 61 -4.41 18.98 -13.53
N ILE B 62 -3.51 19.01 -12.55
CA ILE B 62 -3.07 17.81 -11.86
C ILE B 62 -3.68 17.80 -10.47
N SER B 63 -4.26 16.66 -10.09
CA SER B 63 -4.76 16.47 -8.74
C SER B 63 -4.77 15.01 -8.32
N PHE B 64 -4.92 14.83 -7.01
CA PHE B 64 -5.02 13.52 -6.38
C PHE B 64 -6.44 13.37 -5.86
N GLY B 65 -6.98 12.17 -5.97
CA GLY B 65 -8.29 11.87 -5.41
C GLY B 65 -8.46 10.39 -5.13
N ILE B 66 -9.50 10.06 -4.39
CA ILE B 66 -9.82 8.67 -4.10
C ILE B 66 -11.25 8.36 -4.58
N LYS B 67 -11.46 7.11 -5.00
CA LYS B 67 -12.76 6.63 -5.47
C LYS B 67 -13.44 7.64 -6.42
N GLU B 68 -14.65 8.11 -6.13
CA GLU B 68 -15.30 9.11 -6.99
C GLU B 68 -14.80 10.51 -6.59
N HIS B 69 -14.20 11.20 -7.56
CA HIS B 69 -13.44 12.42 -7.30
C HIS B 69 -13.77 13.58 -8.24
N GLY B 70 -14.90 13.49 -8.95
CA GLY B 70 -15.42 14.61 -9.74
C GLY B 70 -15.51 14.46 -11.25
N ASP B 71 -15.28 13.26 -11.79
CA ASP B 71 -15.47 13.00 -13.24
C ASP B 71 -16.29 11.74 -13.62
N PHE B 72 -16.85 11.03 -12.63
CA PHE B 72 -17.58 9.78 -12.86
C PHE B 72 -16.72 8.65 -13.49
N TYR B 73 -15.41 8.77 -13.36
CA TYR B 73 -14.50 7.67 -13.64
C TYR B 73 -13.79 7.37 -12.34
N PRO B 74 -14.48 6.69 -11.41
CA PRO B 74 -13.94 6.57 -10.06
C PRO B 74 -12.71 5.68 -10.01
N PHE B 75 -11.82 5.99 -9.06
CA PHE B 75 -10.70 5.12 -8.78
C PHE B 75 -11.17 3.88 -8.02
N ASP B 76 -10.33 2.85 -8.00
CA ASP B 76 -10.71 1.50 -7.58
C ASP B 76 -9.95 1.00 -6.34
N GLY B 77 -9.50 1.91 -5.49
CA GLY B 77 -8.65 1.55 -4.34
C GLY B 77 -7.20 1.25 -4.75
N PRO B 78 -6.47 0.45 -3.94
CA PRO B 78 -5.09 0.04 -4.25
C PRO B 78 -4.93 -0.89 -5.46
N SER B 79 -3.84 -0.70 -6.21
CA SER B 79 -3.56 -1.42 -7.46
C SER B 79 -4.63 -1.16 -8.54
N GLY B 80 -4.65 -1.98 -9.59
CA GLY B 80 -5.54 -1.77 -10.71
C GLY B 80 -5.26 -0.45 -11.40
N LEU B 81 -6.19 0.49 -11.28
CA LEU B 81 -6.05 1.83 -11.84
C LEU B 81 -5.16 2.69 -10.95
N LEU B 82 -4.09 3.24 -11.51
CA LEU B 82 -3.16 4.04 -10.72
C LEU B 82 -3.47 5.52 -10.87
N ALA B 83 -3.93 5.89 -12.05
CA ALA B 83 -4.11 7.28 -12.45
C ALA B 83 -4.84 7.27 -13.77
N HIS B 84 -5.36 8.42 -14.19
CA HIS B 84 -5.81 8.58 -15.57
C HIS B 84 -5.68 10.02 -16.04
N ALA B 85 -5.69 10.19 -17.35
CA ALA B 85 -5.48 11.47 -17.99
C ALA B 85 -6.39 11.60 -19.19
N PHE B 86 -6.86 12.81 -19.45
CA PHE B 86 -7.75 13.10 -20.57
C PHE B 86 -6.94 13.63 -21.74
N PRO B 87 -7.31 13.25 -22.98
CA PRO B 87 -6.59 13.72 -24.18
C PRO B 87 -6.66 15.24 -24.38
N PRO B 88 -5.82 15.76 -25.28
CA PRO B 88 -5.80 17.20 -25.52
C PRO B 88 -7.18 17.76 -25.81
N GLY B 89 -7.45 18.95 -25.30
CA GLY B 89 -8.71 19.62 -25.56
C GLY B 89 -9.08 20.59 -24.46
N PRO B 90 -10.25 21.24 -24.61
CA PRO B 90 -10.75 22.18 -23.63
C PRO B 90 -11.35 21.48 -22.42
N ASN B 91 -11.76 22.27 -21.43
CA ASN B 91 -12.40 21.76 -20.22
C ASN B 91 -11.48 20.79 -19.49
N TYR B 92 -11.86 19.52 -19.34
CA TYR B 92 -11.02 18.53 -18.66
C TYR B 92 -9.85 18.05 -19.51
N GLY B 93 -9.80 18.42 -20.80
CA GLY B 93 -8.74 17.96 -21.69
C GLY B 93 -7.37 18.24 -21.12
N GLY B 94 -6.50 17.22 -21.17
CA GLY B 94 -5.15 17.32 -20.63
C GLY B 94 -5.01 16.94 -19.17
N ASP B 95 -6.10 16.98 -18.40
CA ASP B 95 -6.03 16.83 -16.94
C ASP B 95 -5.54 15.44 -16.55
N ALA B 96 -4.88 15.38 -15.42
CA ALA B 96 -4.28 14.15 -14.94
C ALA B 96 -4.63 13.99 -13.47
N HIS B 97 -5.17 12.81 -13.14
CA HIS B 97 -5.63 12.49 -11.80
C HIS B 97 -4.88 11.24 -11.32
N PHE B 98 -4.56 11.23 -10.03
CA PHE B 98 -3.76 10.17 -9.43
C PHE B 98 -4.49 9.61 -8.23
N ASP B 99 -4.60 8.29 -8.18
CA ASP B 99 -5.34 7.59 -7.14
C ASP B 99 -4.55 7.60 -5.85
N ASP B 100 -5.04 8.36 -4.86
CA ASP B 100 -4.32 8.52 -3.59
C ASP B 100 -4.59 7.36 -2.62
N ASP B 101 -5.20 6.29 -3.12
CA ASP B 101 -5.19 5.00 -2.43
C ASP B 101 -3.97 4.18 -2.86
N GLU B 102 -3.16 4.71 -3.77
CA GLU B 102 -1.85 4.14 -4.03
C GLU B 102 -0.85 4.76 -3.08
N THR B 103 0.28 4.07 -2.91
CA THR B 103 1.42 4.62 -2.19
C THR B 103 2.37 5.22 -3.21
N TRP B 104 2.50 6.55 -3.19
CA TRP B 104 3.31 7.27 -4.15
C TRP B 104 4.74 7.50 -3.64
N THR B 105 5.72 7.13 -4.46
CA THR B 105 7.13 7.10 -4.07
C THR B 105 8.08 7.66 -5.15
N SER B 106 9.39 7.55 -4.88
CA SER B 106 10.45 7.80 -5.86
C SER B 106 11.35 6.56 -5.99
N SER B 107 10.76 5.37 -5.85
CA SER B 107 11.51 4.11 -5.81
C SER B 107 10.68 2.96 -6.37
N SER B 108 11.21 1.74 -6.27
CA SER B 108 10.49 0.53 -6.64
C SER B 108 9.34 0.21 -5.68
N LYS B 109 9.32 0.85 -4.50
CA LYS B 109 8.20 0.72 -3.56
C LYS B 109 6.95 1.34 -4.17
N GLY B 110 5.81 0.68 -3.97
CA GLY B 110 4.53 1.19 -4.45
C GLY B 110 4.60 1.64 -5.90
N TYR B 111 4.21 2.89 -6.14
CA TYR B 111 4.23 3.45 -7.49
C TYR B 111 5.02 4.78 -7.54
N ASN B 112 6.01 4.82 -8.42
CA ASN B 112 6.88 5.98 -8.61
C ASN B 112 6.08 7.08 -9.30
N LEU B 113 5.85 8.19 -8.58
CA LEU B 113 5.01 9.29 -9.11
C LEU B 113 5.54 9.85 -10.43
N PHE B 114 6.85 10.05 -10.49
CA PHE B 114 7.50 10.50 -11.73
C PHE B 114 7.12 9.61 -12.92
N LEU B 115 7.30 8.31 -12.73
CA LEU B 115 7.09 7.34 -13.80
C LEU B 115 5.62 7.27 -14.25
N VAL B 116 4.70 7.25 -13.28
CA VAL B 116 3.28 7.24 -13.59
C VAL B 116 2.86 8.59 -14.22
N ALA B 117 3.38 9.70 -13.70
CA ALA B 117 3.10 11.02 -14.28
C ALA B 117 3.60 11.14 -15.72
N ALA B 118 4.79 10.63 -15.99
CA ALA B 118 5.35 10.73 -17.34
C ALA B 118 4.48 9.95 -18.35
N HIS B 119 4.01 8.78 -17.93
CA HIS B 119 3.05 7.97 -18.69
C HIS B 119 1.73 8.72 -18.95
N GLU B 120 1.08 9.17 -17.88
CA GLU B 120 -0.20 9.86 -17.98
C GLU B 120 -0.10 11.18 -18.76
N PHE B 121 1.01 11.90 -18.61
CA PHE B 121 1.24 13.10 -19.40
C PHE B 121 1.36 12.78 -20.91
N GLY B 122 1.79 11.57 -21.26
CA GLY B 122 1.71 11.10 -22.64
C GLY B 122 0.28 11.09 -23.17
N HIS B 123 -0.65 10.62 -22.34
CA HIS B 123 -2.08 10.69 -22.67
C HIS B 123 -2.57 12.12 -22.76
N SER B 124 -2.15 12.97 -21.82
CA SER B 124 -2.52 14.40 -21.84
C SER B 124 -2.10 15.09 -23.14
N LEU B 125 -1.05 14.59 -23.79
CA LEU B 125 -0.50 15.17 -25.01
C LEU B 125 -1.00 14.51 -26.29
N GLY B 126 -1.71 13.39 -26.16
CA GLY B 126 -2.38 12.74 -27.28
C GLY B 126 -1.92 11.33 -27.64
N LEU B 127 -1.04 10.74 -26.84
CA LEU B 127 -0.61 9.36 -27.07
C LEU B 127 -1.59 8.39 -26.42
N ASP B 128 -1.84 7.30 -27.13
CA ASP B 128 -2.56 6.16 -26.58
C ASP B 128 -1.53 5.13 -26.09
N HIS B 129 -2.01 4.00 -25.57
CA HIS B 129 -1.13 2.93 -25.15
C HIS B 129 -0.40 2.26 -26.32
N SER B 130 0.87 1.96 -26.10
CA SER B 130 1.67 1.20 -27.04
C SER B 130 1.47 -0.31 -26.81
N LYS B 131 1.80 -1.08 -27.83
CA LYS B 131 1.82 -2.54 -27.76
C LYS B 131 3.23 -3.04 -27.45
N ASP B 132 4.21 -2.13 -27.45
CA ASP B 132 5.59 -2.45 -27.11
C ASP B 132 5.71 -2.57 -25.58
N PRO B 133 6.02 -3.78 -25.05
CA PRO B 133 6.08 -3.98 -23.60
C PRO B 133 7.17 -3.17 -22.86
N GLY B 134 8.16 -2.67 -23.59
CA GLY B 134 9.21 -1.82 -23.02
C GLY B 134 8.94 -0.33 -23.10
N ALA B 135 7.83 0.05 -23.73
CA ALA B 135 7.49 1.46 -23.94
C ALA B 135 7.00 2.10 -22.64
N LEU B 136 7.30 3.39 -22.46
CA LEU B 136 6.71 4.16 -21.38
C LEU B 136 5.18 4.07 -21.46
N MET B 137 4.65 4.17 -22.67
CA MET B 137 3.20 4.17 -22.89
C MET B 137 2.56 2.76 -22.94
N PHE B 138 3.32 1.71 -22.60
CA PHE B 138 2.71 0.39 -22.37
C PHE B 138 1.75 0.51 -21.18
N PRO B 139 0.58 -0.16 -21.25
CA PRO B 139 -0.43 0.01 -20.19
C PRO B 139 -0.04 -0.56 -18.82
N ILE B 140 0.75 -1.62 -18.79
CA ILE B 140 1.11 -2.29 -17.53
C ILE B 140 2.38 -1.66 -16.96
N TYR B 141 2.29 -1.20 -15.71
CA TYR B 141 3.43 -0.67 -14.96
C TYR B 141 4.46 -1.78 -14.78
N THR B 142 5.66 -1.55 -15.31
CA THR B 142 6.74 -2.54 -15.23
C THR B 142 8.09 -1.85 -14.96
N TYR B 143 8.47 -1.85 -13.69
CA TYR B 143 9.73 -1.22 -13.22
C TYR B 143 10.93 -2.02 -13.71
N THR B 144 11.91 -1.34 -14.30
CA THR B 144 13.05 -1.98 -14.97
C THR B 144 14.30 -2.14 -14.11
N GLY B 145 14.41 -1.37 -13.04
CA GLY B 145 15.61 -1.45 -12.20
C GLY B 145 16.91 -0.90 -12.80
N LYS B 146 16.81 -0.16 -13.91
CA LYS B 146 17.97 0.58 -14.44
C LYS B 146 18.19 1.81 -13.57
N SER B 147 19.44 2.26 -13.46
CA SER B 147 19.76 3.44 -12.65
C SER B 147 19.21 4.75 -13.27
N HIS B 148 19.12 4.79 -14.58
CA HIS B 148 18.72 6.00 -15.32
C HIS B 148 17.41 5.78 -16.07
N PHE B 149 16.72 6.88 -16.38
CA PHE B 149 15.56 6.84 -17.28
C PHE B 149 15.96 7.29 -18.69
N MET B 150 15.56 6.49 -19.70
CA MET B 150 15.63 6.91 -21.11
C MET B 150 14.26 6.67 -21.72
N LEU B 151 13.72 7.69 -22.38
CA LEU B 151 12.46 7.55 -23.12
C LEU B 151 12.72 6.61 -24.32
N PRO B 152 12.04 5.44 -24.35
CA PRO B 152 12.25 4.52 -25.48
C PRO B 152 11.92 5.12 -26.85
N ASP B 153 12.59 4.63 -27.89
CA ASP B 153 12.36 5.13 -29.25
C ASP B 153 10.89 5.09 -29.68
N ASP B 154 10.16 4.05 -29.24
CA ASP B 154 8.72 3.93 -29.53
C ASP B 154 7.94 5.15 -29.09
N ASP B 155 8.19 5.59 -27.85
CA ASP B 155 7.52 6.77 -27.32
C ASP B 155 8.03 8.05 -27.99
N VAL B 156 9.34 8.10 -28.28
CA VAL B 156 9.93 9.25 -28.99
C VAL B 156 9.25 9.44 -30.36
N GLN B 157 9.20 8.38 -31.16
CA GLN B 157 8.54 8.43 -32.47
C GLN B 157 7.05 8.80 -32.35
N GLY B 158 6.38 8.24 -31.34
CA GLY B 158 4.97 8.51 -31.09
C GLY B 158 4.68 9.99 -30.87
N ILE B 159 5.38 10.58 -29.90
CA ILE B 159 5.16 12.00 -29.55
C ILE B 159 5.66 12.90 -30.68
N GLN B 160 6.73 12.51 -31.36
CA GLN B 160 7.27 13.30 -32.46
C GLN B 160 6.34 13.29 -33.68
N SER B 161 5.59 12.21 -33.88
CA SER B 161 4.60 12.16 -34.96
C SER B 161 3.50 13.21 -34.75
N LEU B 162 3.26 13.59 -33.50
CA LEU B 162 2.30 14.64 -33.16
C LEU B 162 2.87 16.05 -33.17
N TYR B 163 4.04 16.23 -32.54
CA TYR B 163 4.60 17.58 -32.31
C TYR B 163 5.90 17.85 -33.05
N GLY B 164 6.31 16.94 -33.92
CA GLY B 164 7.59 17.07 -34.61
C GLY B 164 8.75 17.00 -33.63
ZN ZN C . -7.49 -6.55 12.90
ZN ZN D . -4.01 -14.87 4.40
CA CA E . -0.97 -4.08 2.36
CA CA F . -3.40 -23.59 12.74
CA CA G . 8.91 -6.06 2.49
C1 3EK H . 5.20 1.41 21.45
C2 3EK H . 6.66 1.70 21.78
C3 3EK H . 7.48 0.43 21.73
C4 3EK H . 7.40 -0.09 20.31
C5 3EK H . 5.99 -0.50 19.94
C6 3EK H . 5.03 0.68 20.12
C7 3EK H . 4.38 2.68 21.59
N8 3EK H . 3.18 2.66 20.77
N9 3EK H . 2.09 1.94 21.11
C10 3EK H . 1.29 2.21 20.07
N11 3EK H . 1.84 3.05 19.13
C12 3EK H . 3.03 3.32 19.59
C13 3EK H . -0.01 1.63 19.95
C14 3EK H . -0.63 1.10 21.05
C15 3EK H . -1.86 0.47 20.91
N16 3EK H . -2.50 0.36 19.74
C17 3EK H . -1.88 0.90 18.68
C18 3EK H . -0.65 1.53 18.72
C19 3EK H . -2.53 -0.11 22.11
C20 3EK H . -2.57 0.76 17.38
O21 3EK H . -2.10 1.24 16.36
N22 3EK H . -3.74 0.05 17.45
C23 3EK H . -4.49 -0.35 16.28
C24 3EK H . -3.82 -1.32 15.37
C25 3EK H . -4.43 -1.62 14.17
C26 3EK H . -3.85 -2.51 13.29
C27 3EK H . -2.65 -3.11 13.61
C28 3EK H . -2.03 -2.83 14.81
C29 3EK H . -2.62 -1.93 15.68
C30 3EK H . 8.23 -1.37 20.24
O31 3EK H . 9.01 -1.39 19.27
F32 3EK H . -2.10 -3.97 12.74
O33 3EK H . 8.07 -2.26 21.14
ZN ZN I . -2.11 4.76 -19.75
ZN ZN J . -10.40 11.46 -12.61
CA CA K . -6.12 2.04 -7.89
CA CA L . -7.82 21.37 -18.43
CA CA M . -0.47 5.31 0.85
C1 3EK N . 14.20 4.90 -13.44
C2 3EK N . 15.38 5.37 -12.61
C3 3EK N . 15.16 6.77 -12.02
C4 3EK N . 13.83 6.80 -11.28
C5 3EK N . 12.73 6.55 -12.27
C6 3EK N . 12.87 5.12 -12.74
C7 3EK N . 14.37 3.46 -13.94
N8 3EK N . 13.12 2.86 -14.40
N9 3EK N . 12.59 3.15 -15.61
C10 3EK N . 11.47 2.41 -15.59
N11 3EK N . 11.29 1.70 -14.43
C12 3EK N . 12.33 2.00 -13.70
C13 3EK N . 10.52 2.41 -16.68
C14 3EK N . 10.88 2.96 -17.90
C15 3EK N . 9.95 2.98 -18.92
N16 3EK N . 8.71 2.48 -18.82
C17 3EK N . 8.40 1.95 -17.63
C18 3EK N . 9.25 1.89 -16.54
C19 3EK N . 10.33 3.56 -20.24
C20 3EK N . 7.03 1.41 -17.50
O21 3EK N . 6.71 0.76 -16.52
N22 3EK N . 6.16 1.73 -18.52
C23 3EK N . 4.77 1.34 -18.44
C24 3EK N . 3.91 2.17 -17.52
C25 3EK N . 2.61 1.78 -17.29
C26 3EK N . 1.79 2.53 -16.44
C27 3EK N . 2.30 3.66 -15.84
C28 3EK N . 3.60 4.05 -16.05
C29 3EK N . 4.39 3.30 -16.90
C30 3EK N . 13.55 8.25 -10.88
O31 3EK N . 12.68 8.36 -9.97
F32 3EK N . 1.51 4.38 -15.02
O33 3EK N . 14.21 9.15 -11.48
#